data_3EVD
#
_entry.id   3EVD
#
_cell.length_a   104.958
_cell.length_b   104.958
_cell.length_c   51.902
_cell.angle_alpha   90.00
_cell.angle_beta   90.00
_cell.angle_gamma   120.00
#
_symmetry.space_group_name_H-M   'P 65'
#
loop_
_entity.id
_entity.type
_entity.pdbx_description
1 polymer 'RNA-directed RNA polymerase NS5'
2 non-polymer "GUANOSINE-5'-TRIPHOSPHATE"
3 non-polymer S-ADENOSYL-L-HOMOCYSTEINE
4 water water
#
_entity_poly.entity_id   1
_entity_poly.type   'polypeptide(L)'
_entity_poly.pdbx_seq_one_letter_code
;MGSANGKTLGEVWKRELNLLDKRQFELYKRTDIVEVDRDTARRHLAEGKVDTGVAVSRGTAKLRWFHERGYVKLEGRVID
LGCGRGGWCYYAAAQKEVSGVKGFTLGRDGHEKPMNVQSLGWNIITFKDKTDIHRLEPVKCDTLLCDIGESSSSSVTEGE
RTVRVLDTVEKWLACGVDNFCVKVLAPYMPDVLEKLELLQRRFGGTVIRNPLSRNSTHEMYYVSGARSNVTFTVNQTSRL
LMRRMRRPTGKVTLEADVILPIGTRSVGSSSHHHHHH
;
_entity_poly.pdbx_strand_id   A
#
loop_
_chem_comp.id
_chem_comp.type
_chem_comp.name
_chem_comp.formula
GTP non-polymer GUANOSINE-5'-TRIPHOSPHATE 'C10 H16 N5 O14 P3'
#
# COMPACT_ATOMS: atom_id res chain seq x y z
N LYS A 7 15.26 -16.97 -10.55
CA LYS A 7 15.46 -16.90 -12.03
C LYS A 7 14.28 -16.23 -12.71
N THR A 8 13.37 -15.66 -11.93
CA THR A 8 12.21 -14.97 -12.53
C THR A 8 12.71 -13.66 -13.10
N LEU A 9 11.96 -13.08 -14.03
CA LEU A 9 12.38 -11.81 -14.61
C LEU A 9 12.52 -10.76 -13.50
N GLY A 10 11.67 -10.84 -12.49
CA GLY A 10 11.74 -9.90 -11.39
C GLY A 10 13.03 -10.02 -10.58
N GLU A 11 13.54 -11.24 -10.46
CA GLU A 11 14.79 -11.45 -9.73
C GLU A 11 15.95 -10.87 -10.54
N VAL A 12 15.83 -10.92 -11.87
CA VAL A 12 16.86 -10.36 -12.75
C VAL A 12 16.81 -8.84 -12.59
N TRP A 13 15.60 -8.30 -12.56
CA TRP A 13 15.40 -6.86 -12.40
C TRP A 13 16.06 -6.38 -11.12
N LYS A 14 15.84 -7.11 -10.03
CA LYS A 14 16.41 -6.73 -8.74
C LYS A 14 17.94 -6.71 -8.81
N ARG A 15 18.53 -7.72 -9.43
CA ARG A 15 19.99 -7.78 -9.55
C ARG A 15 20.52 -6.61 -10.36
N GLU A 16 19.87 -6.32 -11.48
CA GLU A 16 20.30 -5.22 -12.34
C GLU A 16 20.07 -3.87 -11.67
N LEU A 17 19.07 -3.78 -10.82
CA LEU A 17 18.77 -2.54 -10.12
C LEU A 17 19.95 -2.20 -9.21
N ASN A 18 20.45 -3.20 -8.50
CA ASN A 18 21.56 -2.98 -7.58
C ASN A 18 22.90 -2.69 -8.25
N LEU A 19 23.00 -2.96 -9.55
CA LEU A 19 24.24 -2.71 -10.28
C LEU A 19 24.32 -1.27 -10.79
N LEU A 20 23.20 -0.57 -10.79
CA LEU A 20 23.17 0.82 -11.26
C LEU A 20 24.04 1.70 -10.39
N ASP A 21 24.70 2.69 -11.00
CA ASP A 21 25.52 3.59 -10.21
C ASP A 21 24.56 4.59 -9.57
N LYS A 22 25.05 5.39 -8.65
CA LYS A 22 24.19 6.36 -7.97
C LYS A 22 23.29 7.17 -8.89
N ARG A 23 23.87 7.82 -9.89
CA ARG A 23 23.08 8.64 -10.81
C ARG A 23 22.12 7.80 -11.65
N GLN A 24 22.56 6.63 -12.12
CA GLN A 24 21.70 5.77 -12.92
C GLN A 24 20.44 5.45 -12.13
N PHE A 25 20.65 5.09 -10.87
CA PHE A 25 19.55 4.74 -9.98
C PHE A 25 18.54 5.85 -9.76
N GLU A 26 19.04 7.05 -9.40
CA GLU A 26 18.16 8.19 -9.15
C GLU A 26 17.27 8.47 -10.37
N LEU A 27 17.86 8.47 -11.54
CA LEU A 27 17.12 8.72 -12.77
C LEU A 27 16.07 7.65 -13.04
N TYR A 28 16.48 6.41 -12.83
CA TYR A 28 15.61 5.27 -13.05
C TYR A 28 14.38 5.29 -12.16
N LYS A 29 14.59 5.52 -10.87
CA LYS A 29 13.50 5.53 -9.88
C LYS A 29 12.22 6.31 -10.23
N ARG A 30 12.36 7.45 -10.91
CA ARG A 30 11.21 8.27 -11.27
C ARG A 30 10.86 8.22 -12.76
N THR A 31 11.57 7.41 -13.52
CA THR A 31 11.33 7.30 -14.97
C THR A 31 9.91 6.89 -15.32
N ASP A 32 9.19 7.79 -15.98
CA ASP A 32 7.82 7.56 -16.41
C ASP A 32 6.82 7.24 -15.30
N ILE A 33 7.11 7.68 -14.07
CA ILE A 33 6.19 7.42 -12.98
C ILE A 33 5.20 8.55 -12.83
N VAL A 34 4.11 8.27 -12.13
CA VAL A 34 3.08 9.28 -11.84
C VAL A 34 3.21 9.54 -10.36
N GLU A 35 3.06 10.80 -9.94
CA GLU A 35 3.13 11.11 -8.52
C GLU A 35 2.30 12.32 -8.17
N VAL A 36 1.73 12.31 -6.97
CA VAL A 36 0.91 13.42 -6.55
C VAL A 36 1.79 14.55 -6.05
N ASP A 37 1.31 15.77 -6.26
CA ASP A 37 2.01 16.97 -5.83
C ASP A 37 1.69 17.13 -4.34
N ARG A 38 2.72 16.98 -3.52
CA ARG A 38 2.56 17.07 -2.07
C ARG A 38 2.89 18.43 -1.47
N ASP A 39 3.14 19.43 -2.30
CA ASP A 39 3.50 20.77 -1.82
C ASP A 39 2.50 21.35 -0.81
N THR A 40 1.24 21.43 -1.21
CA THR A 40 0.20 21.99 -0.35
C THR A 40 0.03 21.21 0.95
N ALA A 41 -0.08 19.89 0.84
CA ALA A 41 -0.24 19.07 2.03
C ALA A 41 0.91 19.26 3.01
N ARG A 42 2.13 19.27 2.50
CA ARG A 42 3.30 19.44 3.35
C ARG A 42 3.29 20.78 4.06
N ARG A 43 2.89 21.83 3.35
CA ARG A 43 2.84 23.15 3.97
C ARG A 43 1.78 23.17 5.06
N HIS A 44 0.58 22.66 4.76
CA HIS A 44 -0.48 22.64 5.76
C HIS A 44 -0.12 21.86 7.00
N LEU A 45 0.45 20.67 6.82
CA LEU A 45 0.84 19.85 7.95
C LEU A 45 1.93 20.53 8.76
N ALA A 46 2.86 21.18 8.07
CA ALA A 46 3.95 21.88 8.74
C ALA A 46 3.40 23.02 9.59
N GLU A 47 2.27 23.57 9.19
CA GLU A 47 1.65 24.67 9.90
C GLU A 47 0.65 24.20 10.95
N GLY A 48 0.50 22.88 11.07
CA GLY A 48 -0.42 22.33 12.04
C GLY A 48 -1.90 22.40 11.69
N LYS A 49 -2.22 22.66 10.42
CA LYS A 49 -3.62 22.75 10.00
C LYS A 49 -4.25 21.35 9.97
N VAL A 50 -5.41 21.22 10.60
CA VAL A 50 -6.08 19.93 10.68
C VAL A 50 -7.45 19.91 10.03
N ASP A 51 -7.90 21.07 9.56
CA ASP A 51 -9.22 21.16 8.95
C ASP A 51 -9.21 21.62 7.49
N THR A 52 -8.18 21.22 6.74
CA THR A 52 -8.12 21.62 5.33
C THR A 52 -8.30 20.43 4.38
N GLY A 53 -8.44 19.24 4.96
CA GLY A 53 -8.66 18.05 4.13
C GLY A 53 -7.46 17.46 3.42
N VAL A 54 -6.27 17.94 3.70
CA VAL A 54 -5.09 17.39 3.02
C VAL A 54 -4.77 16.01 3.56
N ALA A 55 -4.07 15.22 2.75
CA ALA A 55 -3.69 13.87 3.13
C ALA A 55 -2.43 13.86 3.97
N VAL A 56 -2.41 13.02 5.01
CA VAL A 56 -1.25 12.95 5.88
C VAL A 56 -0.04 12.27 5.25
N SER A 57 -0.26 11.56 4.14
CA SER A 57 0.83 10.88 3.45
C SER A 57 0.41 10.59 2.03
N ARG A 58 1.35 10.13 1.22
CA ARG A 58 1.10 9.78 -0.18
C ARG A 58 0.23 8.52 -0.26
N GLY A 59 0.09 7.85 0.88
CA GLY A 59 -0.71 6.63 0.91
C GLY A 59 -2.18 6.84 0.59
N THR A 60 -2.71 8.00 0.94
CA THR A 60 -4.11 8.29 0.67
C THR A 60 -4.42 8.18 -0.82
N ALA A 61 -3.60 8.81 -1.65
CA ALA A 61 -3.79 8.76 -3.09
C ALA A 61 -3.62 7.34 -3.64
N LYS A 62 -2.74 6.56 -3.00
CA LYS A 62 -2.49 5.19 -3.42
C LYS A 62 -3.75 4.35 -3.22
N LEU A 63 -4.36 4.45 -2.04
CA LEU A 63 -5.56 3.68 -1.79
C LEU A 63 -6.72 4.20 -2.64
N ARG A 64 -6.80 5.51 -2.83
CA ARG A 64 -7.86 6.06 -3.66
C ARG A 64 -7.81 5.44 -5.05
N TRP A 65 -6.62 5.30 -5.62
CA TRP A 65 -6.51 4.73 -6.96
C TRP A 65 -7.17 3.35 -7.02
N PHE A 66 -6.90 2.50 -6.03
CA PHE A 66 -7.52 1.16 -6.03
C PHE A 66 -9.04 1.25 -5.83
N HIS A 67 -9.45 2.07 -4.88
CA HIS A 67 -10.85 2.23 -4.54
C HIS A 67 -11.73 2.77 -5.68
N GLU A 68 -11.27 3.83 -6.33
CA GLU A 68 -12.06 4.46 -7.39
C GLU A 68 -12.31 3.61 -8.64
N ARG A 69 -11.52 2.55 -8.81
CA ARG A 69 -11.71 1.68 -9.98
C ARG A 69 -12.12 0.27 -9.59
N GLY A 70 -12.65 0.13 -8.38
CA GLY A 70 -13.14 -1.16 -7.92
C GLY A 70 -12.18 -2.27 -7.57
N TYR A 71 -10.88 -1.98 -7.44
CA TYR A 71 -9.93 -3.03 -7.07
C TYR A 71 -10.15 -3.45 -5.63
N VAL A 72 -10.69 -2.53 -4.83
CA VAL A 72 -11.05 -2.86 -3.45
C VAL A 72 -12.23 -2.01 -3.02
N LYS A 73 -13.23 -2.65 -2.43
CA LYS A 73 -14.38 -1.92 -1.93
C LYS A 73 -14.05 -1.62 -0.48
N LEU A 74 -14.40 -0.42 -0.02
CA LEU A 74 -14.14 -0.06 1.37
C LEU A 74 -15.52 -0.02 2.02
N GLU A 75 -15.80 -1.01 2.85
CA GLU A 75 -17.11 -1.15 3.48
C GLU A 75 -17.09 -1.61 4.93
N GLY A 76 -18.10 -1.18 5.66
CA GLY A 76 -18.28 -1.59 7.04
C GLY A 76 -17.09 -1.39 7.96
N ARG A 77 -16.75 -2.45 8.69
CA ARG A 77 -15.65 -2.44 9.63
C ARG A 77 -14.31 -2.58 8.93
N VAL A 78 -13.52 -1.52 8.94
CA VAL A 78 -12.21 -1.52 8.30
C VAL A 78 -11.08 -1.67 9.30
N ILE A 79 -10.10 -2.51 8.97
CA ILE A 79 -8.94 -2.69 9.82
C ILE A 79 -7.71 -2.39 8.94
N ASP A 80 -6.82 -1.56 9.45
CA ASP A 80 -5.62 -1.15 8.71
C ASP A 80 -4.38 -1.56 9.49
N LEU A 81 -3.72 -2.61 9.01
CA LEU A 81 -2.50 -3.12 9.65
C LEU A 81 -1.30 -2.36 9.10
N GLY A 82 -0.54 -1.74 10.00
CA GLY A 82 0.62 -0.97 9.60
C GLY A 82 0.14 0.36 9.05
N CYS A 83 -0.73 1.03 9.82
CA CYS A 83 -1.31 2.29 9.37
C CYS A 83 -0.36 3.49 9.27
N GLY A 84 0.75 3.47 10.00
CA GLY A 84 1.68 4.59 9.95
C GLY A 84 0.99 5.89 10.33
N ARG A 85 1.23 6.95 9.56
CA ARG A 85 0.60 8.24 9.82
C ARG A 85 -0.91 8.15 9.71
N GLY A 86 -1.40 7.17 8.95
CA GLY A 86 -2.84 7.00 8.81
C GLY A 86 -3.48 7.37 7.48
N GLY A 87 -2.70 7.49 6.41
CA GLY A 87 -3.25 7.87 5.12
C GLY A 87 -4.41 7.00 4.62
N TRP A 88 -4.33 5.70 4.88
CA TRP A 88 -5.39 4.78 4.47
C TRP A 88 -6.57 4.87 5.42
N CYS A 89 -6.29 5.09 6.70
CA CYS A 89 -7.38 5.20 7.68
C CYS A 89 -8.24 6.42 7.40
N TYR A 90 -7.61 7.56 7.14
CA TYR A 90 -8.37 8.76 6.85
C TYR A 90 -9.13 8.64 5.54
N TYR A 91 -8.53 7.99 4.55
CA TYR A 91 -9.23 7.84 3.28
C TYR A 91 -10.48 6.98 3.50
N ALA A 92 -10.30 5.85 4.18
CA ALA A 92 -11.42 4.94 4.44
C ALA A 92 -12.53 5.60 5.26
N ALA A 93 -12.14 6.35 6.29
CA ALA A 93 -13.09 7.01 7.18
C ALA A 93 -14.01 8.00 6.47
N ALA A 94 -13.56 8.54 5.35
CA ALA A 94 -14.34 9.51 4.58
C ALA A 94 -15.37 8.89 3.64
N GLN A 95 -15.35 7.57 3.50
CA GLN A 95 -16.27 6.88 2.61
C GLN A 95 -17.58 6.53 3.29
N LYS A 96 -18.70 6.87 2.65
CA LYS A 96 -20.02 6.62 3.21
C LYS A 96 -20.28 5.16 3.60
N GLU A 97 -19.75 4.23 2.81
CA GLU A 97 -19.93 2.80 3.05
C GLU A 97 -19.21 2.23 4.27
N VAL A 98 -18.24 2.99 4.78
CA VAL A 98 -17.44 2.57 5.94
C VAL A 98 -18.11 2.99 7.24
N SER A 99 -18.20 2.08 8.19
CA SER A 99 -18.83 2.37 9.48
C SER A 99 -17.86 2.61 10.61
N GLY A 100 -16.63 2.11 10.46
CA GLY A 100 -15.64 2.29 11.49
C GLY A 100 -14.28 1.88 10.99
N VAL A 101 -13.23 2.46 11.57
CA VAL A 101 -11.86 2.17 11.17
C VAL A 101 -10.95 1.96 12.37
N LYS A 102 -10.23 0.85 12.37
CA LYS A 102 -9.29 0.54 13.44
C LYS A 102 -7.90 0.41 12.80
N GLY A 103 -7.00 1.32 13.18
CA GLY A 103 -5.65 1.28 12.63
C GLY A 103 -4.65 0.86 13.69
N PHE A 104 -3.67 0.06 13.29
CA PHE A 104 -2.64 -0.44 14.18
C PHE A 104 -1.26 -0.24 13.57
N THR A 105 -0.31 0.25 14.37
CA THR A 105 1.03 0.48 13.85
C THR A 105 2.04 0.50 15.00
N LEU A 106 3.31 0.32 14.67
CA LEU A 106 4.38 0.31 15.67
C LEU A 106 4.52 1.68 16.32
N GLY A 107 4.75 2.70 15.51
CA GLY A 107 4.88 4.05 16.00
C GLY A 107 5.90 4.23 17.11
N ARG A 108 7.07 3.60 16.96
CA ARG A 108 8.11 3.69 17.96
C ARG A 108 9.46 3.34 17.35
N ASP A 109 10.53 3.82 17.98
CA ASP A 109 11.88 3.55 17.52
C ASP A 109 12.08 3.88 16.04
N GLY A 110 11.61 5.05 15.63
CA GLY A 110 11.77 5.45 14.24
C GLY A 110 10.55 5.26 13.36
N HIS A 111 9.68 4.34 13.75
CA HIS A 111 8.46 4.06 12.99
C HIS A 111 7.43 5.17 13.16
N GLU A 112 6.91 5.64 12.03
CA GLU A 112 5.91 6.71 12.00
C GLU A 112 4.74 6.48 12.95
N LYS A 113 4.35 7.54 13.65
CA LYS A 113 3.23 7.47 14.57
C LYS A 113 2.02 8.04 13.85
N PRO A 114 0.80 7.63 14.26
CA PRO A 114 -0.41 8.15 13.62
C PRO A 114 -0.49 9.67 13.75
N MET A 115 -0.92 10.32 12.68
CA MET A 115 -1.05 11.77 12.69
C MET A 115 -2.52 12.12 12.94
N ASN A 116 -2.77 13.14 13.74
CA ASN A 116 -4.13 13.55 14.05
C ASN A 116 -4.58 14.79 13.28
N VAL A 117 -5.49 14.57 12.33
CA VAL A 117 -6.05 15.64 11.53
C VAL A 117 -7.55 15.41 11.60
N GLN A 118 -8.34 16.38 11.18
CA GLN A 118 -9.77 16.20 11.27
C GLN A 118 -10.51 16.18 9.96
N SER A 119 -10.01 15.36 9.05
CA SER A 119 -10.66 15.20 7.76
C SER A 119 -11.92 14.36 8.04
N LEU A 120 -12.86 14.36 7.10
CA LEU A 120 -14.13 13.66 7.29
C LEU A 120 -14.07 12.26 7.90
N GLY A 121 -14.78 12.06 9.01
CA GLY A 121 -14.81 10.76 9.64
C GLY A 121 -13.66 10.46 10.59
N TRP A 122 -12.85 11.46 10.90
CA TRP A 122 -11.76 11.23 11.82
C TRP A 122 -12.28 10.61 13.12
N ASN A 123 -13.50 11.00 13.50
CA ASN A 123 -14.11 10.51 14.74
C ASN A 123 -14.47 9.03 14.75
N ILE A 124 -14.47 8.38 13.59
CA ILE A 124 -14.79 6.95 13.58
C ILE A 124 -13.54 6.09 13.47
N ILE A 125 -12.38 6.74 13.58
CA ILE A 125 -11.11 6.03 13.54
C ILE A 125 -10.55 5.84 14.94
N THR A 126 -10.06 4.64 15.21
CA THR A 126 -9.43 4.34 16.49
C THR A 126 -7.99 3.94 16.15
N PHE A 127 -7.03 4.82 16.45
CA PHE A 127 -5.62 4.53 16.19
C PHE A 127 -5.01 3.86 17.41
N LYS A 128 -4.15 2.89 17.17
CA LYS A 128 -3.47 2.16 18.23
C LYS A 128 -2.01 1.96 17.83
N ASP A 129 -1.10 2.64 18.52
CA ASP A 129 0.32 2.50 18.20
C ASP A 129 0.97 1.47 19.13
N LYS A 130 2.29 1.39 19.09
CA LYS A 130 3.03 0.45 19.93
C LYS A 130 2.46 -0.94 19.71
N THR A 131 2.07 -1.23 18.47
CA THR A 131 1.48 -2.53 18.16
C THR A 131 2.17 -3.26 17.00
N ASP A 132 2.64 -4.46 17.28
CA ASP A 132 3.28 -5.30 16.26
C ASP A 132 2.14 -6.16 15.73
N ILE A 133 1.67 -5.87 14.53
CA ILE A 133 0.55 -6.62 13.97
C ILE A 133 0.77 -8.11 13.72
N HIS A 134 2.03 -8.56 13.77
CA HIS A 134 2.31 -9.99 13.59
C HIS A 134 1.90 -10.79 14.82
N ARG A 135 1.82 -10.11 15.96
CA ARG A 135 1.44 -10.77 17.21
C ARG A 135 0.08 -10.29 17.71
N LEU A 136 -0.61 -9.51 16.87
CA LEU A 136 -1.92 -8.99 17.22
C LEU A 136 -2.98 -10.05 16.91
N GLU A 137 -3.79 -10.40 17.91
CA GLU A 137 -4.82 -11.41 17.67
C GLU A 137 -5.83 -10.91 16.66
N PRO A 138 -6.11 -11.70 15.61
CA PRO A 138 -7.07 -11.28 14.59
C PRO A 138 -8.43 -10.92 15.15
N VAL A 139 -9.05 -9.93 14.53
CA VAL A 139 -10.36 -9.41 14.90
C VAL A 139 -11.23 -9.47 13.64
N LYS A 140 -12.51 -9.73 13.83
CA LYS A 140 -13.45 -9.80 12.71
C LYS A 140 -13.66 -8.42 12.10
N CYS A 141 -13.62 -8.35 10.77
CA CYS A 141 -13.84 -7.09 10.07
C CYS A 141 -14.41 -7.39 8.70
N ASP A 142 -14.80 -6.34 7.98
CA ASP A 142 -15.37 -6.52 6.65
C ASP A 142 -14.36 -6.18 5.57
N THR A 143 -13.48 -5.23 5.87
CA THR A 143 -12.46 -4.76 4.94
C THR A 143 -11.10 -4.79 5.64
N LEU A 144 -10.17 -5.58 5.11
CA LEU A 144 -8.83 -5.71 5.68
C LEU A 144 -7.79 -5.03 4.79
N LEU A 145 -7.07 -4.08 5.38
CA LEU A 145 -6.02 -3.35 4.66
C LEU A 145 -4.69 -3.58 5.37
N CYS A 146 -3.62 -3.67 4.60
CA CYS A 146 -2.29 -3.86 5.17
C CYS A 146 -1.30 -3.29 4.17
N ASP A 147 -0.49 -2.34 4.62
CA ASP A 147 0.48 -1.70 3.74
C ASP A 147 1.88 -1.84 4.30
N ILE A 148 2.26 -3.06 4.66
CA ILE A 148 3.56 -3.35 5.24
C ILE A 148 4.50 -4.08 4.29
N GLY A 149 5.77 -3.68 4.30
CA GLY A 149 6.77 -4.30 3.46
C GLY A 149 7.96 -3.37 3.33
N GLU A 150 9.01 -3.66 4.08
CA GLU A 150 10.23 -2.83 4.07
C GLU A 150 11.21 -3.31 3.00
N SER A 151 11.57 -2.41 2.10
CA SER A 151 12.50 -2.75 1.02
C SER A 151 13.86 -3.18 1.56
N SER A 152 14.52 -4.03 0.78
CA SER A 152 15.86 -4.53 1.11
C SER A 152 16.63 -4.73 -0.18
N SER A 153 17.92 -4.46 -0.17
CA SER A 153 18.71 -4.64 -1.37
C SER A 153 18.80 -6.13 -1.71
N SER A 154 18.51 -6.98 -0.72
CA SER A 154 18.56 -8.43 -0.92
C SER A 154 17.20 -8.99 -1.34
N SER A 155 17.15 -9.65 -2.49
CA SER A 155 15.91 -10.24 -2.96
C SER A 155 15.45 -11.33 -2.00
N VAL A 156 16.40 -12.05 -1.42
CA VAL A 156 16.05 -13.12 -0.47
C VAL A 156 15.33 -12.48 0.73
N THR A 157 15.89 -11.39 1.23
CA THR A 157 15.30 -10.71 2.37
C THR A 157 13.92 -10.13 2.03
N GLU A 158 13.76 -9.56 0.85
CA GLU A 158 12.46 -9.02 0.48
C GLU A 158 11.46 -10.18 0.39
N GLY A 159 11.93 -11.33 -0.04
CA GLY A 159 11.07 -12.49 -0.14
C GLY A 159 10.62 -12.93 1.24
N GLU A 160 11.57 -13.02 2.16
CA GLU A 160 11.26 -13.42 3.53
C GLU A 160 10.25 -12.48 4.17
N ARG A 161 10.47 -11.17 4.01
CA ARG A 161 9.58 -10.17 4.58
C ARG A 161 8.18 -10.24 3.97
N THR A 162 8.11 -10.51 2.67
CA THR A 162 6.84 -10.60 1.99
C THR A 162 6.06 -11.84 2.43
N VAL A 163 6.74 -12.97 2.52
CA VAL A 163 6.07 -14.18 2.94
C VAL A 163 5.56 -14.03 4.38
N ARG A 164 6.31 -13.33 5.22
CA ARG A 164 5.86 -13.14 6.60
C ARG A 164 4.59 -12.30 6.64
N VAL A 165 4.52 -11.26 5.81
CA VAL A 165 3.33 -10.41 5.77
C VAL A 165 2.13 -11.22 5.30
N LEU A 166 2.32 -11.98 4.22
CA LEU A 166 1.23 -12.80 3.69
C LEU A 166 0.81 -13.85 4.70
N ASP A 167 1.78 -14.39 5.43
CA ASP A 167 1.52 -15.41 6.44
C ASP A 167 0.64 -14.84 7.55
N THR A 168 0.96 -13.64 8.01
CA THR A 168 0.17 -13.01 9.05
C THR A 168 -1.21 -12.63 8.53
N VAL A 169 -1.25 -12.03 7.33
CA VAL A 169 -2.51 -11.61 6.77
C VAL A 169 -3.48 -12.76 6.55
N GLU A 170 -2.96 -13.94 6.22
CA GLU A 170 -3.83 -15.10 6.02
C GLU A 170 -4.62 -15.42 7.29
N LYS A 171 -4.04 -15.15 8.46
CA LYS A 171 -4.74 -15.40 9.71
C LYS A 171 -5.99 -14.52 9.78
N TRP A 172 -5.86 -13.28 9.32
CA TRP A 172 -6.96 -12.34 9.35
C TRP A 172 -7.99 -12.64 8.26
N LEU A 173 -7.53 -13.00 7.06
CA LEU A 173 -8.47 -13.32 6.00
C LEU A 173 -9.28 -14.56 6.39
N ALA A 174 -8.65 -15.46 7.14
CA ALA A 174 -9.32 -16.69 7.57
C ALA A 174 -10.52 -16.43 8.47
N CYS A 175 -10.63 -15.22 9.01
CA CYS A 175 -11.76 -14.87 9.88
C CYS A 175 -12.99 -14.58 9.05
N GLY A 176 -12.79 -14.38 7.74
CA GLY A 176 -13.90 -14.08 6.86
C GLY A 176 -13.97 -12.60 6.59
N VAL A 177 -13.44 -12.16 5.46
CA VAL A 177 -13.45 -10.75 5.10
C VAL A 177 -13.97 -10.58 3.68
N ASP A 178 -14.80 -9.56 3.46
CA ASP A 178 -15.35 -9.31 2.14
C ASP A 178 -14.34 -8.61 1.21
N ASN A 179 -13.60 -7.66 1.76
CA ASN A 179 -12.67 -6.89 0.95
C ASN A 179 -11.28 -6.83 1.55
N PHE A 180 -10.28 -6.74 0.68
CA PHE A 180 -8.90 -6.62 1.14
C PHE A 180 -7.98 -5.95 0.14
N CYS A 181 -6.93 -5.32 0.67
CA CYS A 181 -5.91 -4.65 -0.11
C CYS A 181 -4.65 -4.80 0.74
N VAL A 182 -3.75 -5.66 0.28
CA VAL A 182 -2.54 -5.99 1.01
C VAL A 182 -1.27 -5.81 0.20
N LYS A 183 -0.32 -5.05 0.73
CA LYS A 183 0.93 -4.84 0.03
C LYS A 183 1.73 -6.13 -0.06
N VAL A 184 2.26 -6.40 -1.25
CA VAL A 184 3.10 -7.56 -1.51
C VAL A 184 4.41 -6.92 -2.00
N LEU A 185 5.37 -6.82 -1.10
CA LEU A 185 6.64 -6.17 -1.41
C LEU A 185 7.41 -6.77 -2.57
N ALA A 186 7.57 -8.09 -2.56
CA ALA A 186 8.33 -8.74 -3.62
C ALA A 186 7.57 -9.88 -4.26
N PRO A 187 6.59 -9.55 -5.11
CA PRO A 187 5.77 -10.56 -5.80
C PRO A 187 6.57 -11.37 -6.82
N TYR A 188 7.76 -10.88 -7.16
CA TYR A 188 8.62 -11.55 -8.14
C TYR A 188 9.34 -12.77 -7.57
N MET A 189 9.39 -12.91 -6.25
CA MET A 189 10.05 -14.05 -5.64
C MET A 189 9.19 -15.30 -5.77
N PRO A 190 9.79 -16.42 -6.21
CA PRO A 190 9.14 -17.72 -6.41
C PRO A 190 8.18 -18.18 -5.31
N ASP A 191 8.67 -18.17 -4.08
CA ASP A 191 7.85 -18.59 -2.95
C ASP A 191 6.64 -17.68 -2.79
N VAL A 192 6.84 -16.38 -3.03
CA VAL A 192 5.74 -15.43 -2.91
C VAL A 192 4.68 -15.69 -3.97
N LEU A 193 5.11 -15.92 -5.21
CA LEU A 193 4.16 -16.18 -6.29
C LEU A 193 3.29 -17.39 -5.93
N GLU A 194 3.93 -18.43 -5.39
CA GLU A 194 3.19 -19.63 -5.03
C GLU A 194 2.23 -19.37 -3.89
N LYS A 195 2.65 -18.58 -2.89
CA LYS A 195 1.76 -18.28 -1.77
C LYS A 195 0.55 -17.51 -2.29
N LEU A 196 0.79 -16.60 -3.24
CA LEU A 196 -0.29 -15.82 -3.83
C LEU A 196 -1.26 -16.71 -4.59
N GLU A 197 -0.74 -17.69 -5.32
CA GLU A 197 -1.58 -18.61 -6.08
C GLU A 197 -2.44 -19.41 -5.10
N LEU A 198 -1.87 -19.80 -3.97
CA LEU A 198 -2.61 -20.56 -2.98
C LEU A 198 -3.69 -19.66 -2.34
N LEU A 199 -3.33 -18.42 -2.03
CA LEU A 199 -4.29 -17.50 -1.44
C LEU A 199 -5.46 -17.21 -2.36
N GLN A 200 -5.16 -17.08 -3.65
CA GLN A 200 -6.18 -16.81 -4.65
C GLN A 200 -7.19 -17.96 -4.72
N ARG A 201 -6.70 -19.19 -4.60
CA ARG A 201 -7.59 -20.34 -4.65
C ARG A 201 -8.45 -20.42 -3.39
N ARG A 202 -7.98 -19.78 -2.33
CA ARG A 202 -8.68 -19.78 -1.06
C ARG A 202 -9.57 -18.55 -0.84
N PHE A 203 -9.08 -17.38 -1.22
CA PHE A 203 -9.82 -16.15 -1.00
C PHE A 203 -10.12 -15.33 -2.25
N GLY A 204 -9.65 -15.78 -3.41
CA GLY A 204 -9.91 -15.01 -4.62
C GLY A 204 -8.94 -13.85 -4.75
N GLY A 205 -9.31 -12.84 -5.53
CA GLY A 205 -8.45 -11.68 -5.70
C GLY A 205 -7.30 -11.90 -6.67
N THR A 206 -6.40 -10.92 -6.72
CA THR A 206 -5.22 -10.99 -7.57
C THR A 206 -4.28 -9.86 -7.16
N VAL A 207 -3.13 -9.76 -7.82
CA VAL A 207 -2.18 -8.70 -7.50
C VAL A 207 -2.16 -7.66 -8.61
N ILE A 208 -2.16 -6.40 -8.19
CA ILE A 208 -2.20 -5.27 -9.11
C ILE A 208 -1.09 -4.25 -8.79
N ARG A 209 -0.48 -3.71 -9.83
CA ARG A 209 0.57 -2.70 -9.69
C ARG A 209 -0.09 -1.32 -9.67
N ASN A 210 0.21 -0.54 -8.63
CA ASN A 210 -0.32 0.82 -8.50
C ASN A 210 0.60 1.75 -9.28
N PRO A 211 0.05 2.59 -10.16
CA PRO A 211 0.90 3.48 -10.94
C PRO A 211 1.67 4.51 -10.11
N LEU A 212 1.26 4.70 -8.87
CA LEU A 212 1.95 5.66 -7.99
C LEU A 212 3.17 5.04 -7.31
N SER A 213 3.37 3.74 -7.46
CA SER A 213 4.54 3.11 -6.88
C SER A 213 5.77 3.53 -7.68
N ARG A 214 6.91 3.69 -7.02
CA ARG A 214 8.14 4.09 -7.70
C ARG A 214 8.82 2.88 -8.35
N ASN A 215 9.67 3.14 -9.34
CA ASN A 215 10.35 2.06 -10.06
C ASN A 215 11.38 1.28 -9.26
N SER A 216 11.82 1.83 -8.12
CA SER A 216 12.82 1.15 -7.32
C SER A 216 12.25 0.00 -6.49
N THR A 217 10.92 -0.17 -6.53
CA THR A 217 10.31 -1.27 -5.80
C THR A 217 9.36 -2.02 -6.74
N HIS A 218 9.29 -3.34 -6.56
CA HIS A 218 8.43 -4.18 -7.39
C HIS A 218 7.10 -4.42 -6.68
N GLU A 219 6.85 -3.64 -5.62
CA GLU A 219 5.61 -3.82 -4.86
C GLU A 219 4.34 -3.85 -5.72
N MET A 220 3.42 -4.72 -5.33
CA MET A 220 2.13 -4.85 -5.98
C MET A 220 1.18 -5.12 -4.83
N TYR A 221 -0.12 -4.98 -5.07
CA TYR A 221 -1.10 -5.18 -4.00
C TYR A 221 -2.08 -6.31 -4.30
N TYR A 222 -2.27 -7.17 -3.30
CA TYR A 222 -3.21 -8.30 -3.37
C TYR A 222 -4.55 -7.67 -3.02
N VAL A 223 -5.45 -7.64 -3.99
CA VAL A 223 -6.76 -7.02 -3.83
C VAL A 223 -7.91 -7.96 -4.18
N SER A 224 -9.05 -7.70 -3.57
CA SER A 224 -10.25 -8.51 -3.74
C SER A 224 -11.14 -8.20 -4.94
N GLY A 225 -10.97 -7.03 -5.54
CA GLY A 225 -11.82 -6.61 -6.65
C GLY A 225 -11.55 -7.09 -8.06
N ALA A 226 -10.56 -7.94 -8.22
CA ALA A 226 -10.25 -8.47 -9.55
C ALA A 226 -9.67 -9.87 -9.40
N ARG A 227 -9.72 -10.62 -10.50
CA ARG A 227 -9.19 -11.96 -10.51
C ARG A 227 -8.47 -12.11 -11.83
N SER A 228 -7.21 -12.53 -11.76
CA SER A 228 -6.41 -12.70 -12.96
C SER A 228 -5.22 -13.57 -12.63
N ASN A 229 -4.59 -14.11 -13.67
CA ASN A 229 -3.42 -14.94 -13.47
C ASN A 229 -2.34 -14.11 -12.80
N VAL A 230 -1.93 -14.50 -11.61
CA VAL A 230 -0.91 -13.77 -10.88
C VAL A 230 0.45 -13.80 -11.55
N THR A 231 0.85 -14.95 -12.07
CA THR A 231 2.14 -15.07 -12.74
C THR A 231 2.22 -14.12 -13.92
N PHE A 232 1.14 -14.07 -14.69
CA PHE A 232 1.11 -13.20 -15.86
C PHE A 232 1.26 -11.74 -15.50
N THR A 233 0.42 -11.26 -14.59
CA THR A 233 0.45 -9.85 -14.21
C THR A 233 1.74 -9.44 -13.49
N VAL A 234 2.28 -10.32 -12.65
CA VAL A 234 3.53 -9.99 -11.98
C VAL A 234 4.64 -9.85 -13.03
N ASN A 235 4.65 -10.73 -14.02
CA ASN A 235 5.69 -10.65 -15.05
C ASN A 235 5.50 -9.44 -15.97
N GLN A 236 4.26 -8.99 -16.11
CA GLN A 236 3.98 -7.82 -16.91
C GLN A 236 4.67 -6.64 -16.23
N THR A 237 4.57 -6.60 -14.91
CA THR A 237 5.19 -5.52 -14.15
C THR A 237 6.71 -5.64 -14.23
N SER A 238 7.24 -6.85 -14.16
CA SER A 238 8.68 -7.04 -14.29
C SER A 238 9.15 -6.52 -15.64
N ARG A 239 8.38 -6.80 -16.68
CA ARG A 239 8.74 -6.35 -18.02
C ARG A 239 8.76 -4.83 -18.11
N LEU A 240 7.76 -4.18 -17.50
CA LEU A 240 7.68 -2.72 -17.51
C LEU A 240 8.85 -2.09 -16.75
N LEU A 241 9.17 -2.63 -15.58
CA LEU A 241 10.27 -2.10 -14.78
C LEU A 241 11.61 -2.27 -15.49
N MET A 242 11.76 -3.37 -16.22
CA MET A 242 12.99 -3.64 -16.94
C MET A 242 13.14 -2.71 -18.14
N ARG A 243 12.02 -2.43 -18.79
CA ARG A 243 12.02 -1.57 -19.95
C ARG A 243 12.44 -0.16 -19.53
N ARG A 244 11.96 0.28 -18.38
CA ARG A 244 12.29 1.61 -17.87
C ARG A 244 13.74 1.76 -17.46
N MET A 245 14.38 0.64 -17.11
CA MET A 245 15.78 0.69 -16.70
C MET A 245 16.68 0.77 -17.93
N ARG A 246 16.17 0.29 -19.06
CA ARG A 246 16.92 0.32 -20.31
C ARG A 246 16.75 1.65 -21.02
N ARG A 247 15.76 2.43 -20.58
CA ARG A 247 15.47 3.73 -21.17
C ARG A 247 15.22 4.77 -20.09
N PRO A 248 16.25 5.12 -19.31
CA PRO A 248 16.13 6.12 -18.24
C PRO A 248 15.84 7.53 -18.75
N THR A 249 14.93 8.23 -18.10
CA THR A 249 14.58 9.60 -18.49
C THR A 249 14.29 10.47 -17.28
N GLY A 250 13.78 9.86 -16.21
CA GLY A 250 13.46 10.61 -15.02
C GLY A 250 12.20 11.44 -15.20
N LYS A 251 11.57 11.28 -16.36
CA LYS A 251 10.36 12.01 -16.68
C LYS A 251 9.23 11.63 -15.74
N VAL A 252 8.71 12.61 -15.00
CA VAL A 252 7.64 12.37 -14.05
C VAL A 252 6.37 13.13 -14.45
N THR A 253 5.22 12.57 -14.10
CA THR A 253 3.94 13.20 -14.40
C THR A 253 3.23 13.50 -13.08
N LEU A 254 3.08 14.78 -12.77
CA LEU A 254 2.44 15.20 -11.53
C LEU A 254 0.92 15.22 -11.62
N GLU A 255 0.27 14.76 -10.56
CA GLU A 255 -1.18 14.74 -10.49
C GLU A 255 -1.59 15.41 -9.18
N ALA A 256 -2.81 15.92 -9.13
CA ALA A 256 -3.31 16.58 -7.93
C ALA A 256 -3.44 15.57 -6.80
N ASP A 257 -3.03 15.97 -5.60
CA ASP A 257 -3.11 15.11 -4.42
C ASP A 257 -4.57 15.06 -4.00
N VAL A 258 -4.90 14.14 -3.09
CA VAL A 258 -6.27 14.00 -2.62
C VAL A 258 -6.63 15.03 -1.56
N ILE A 259 -7.80 15.64 -1.69
CA ILE A 259 -8.30 16.58 -0.72
C ILE A 259 -9.65 16.02 -0.30
N LEU A 260 -9.75 15.65 0.97
CA LEU A 260 -10.96 15.06 1.51
C LEU A 260 -11.85 16.10 2.17
N PRO A 261 -13.16 15.80 2.31
CA PRO A 261 -14.00 16.81 2.97
C PRO A 261 -13.56 16.78 4.43
N ILE A 262 -14.08 17.70 5.25
CA ILE A 262 -13.68 17.73 6.65
C ILE A 262 -14.80 17.58 7.66
N GLY A 263 -14.44 17.35 8.92
CA GLY A 263 -15.43 17.24 9.98
C GLY A 263 -15.75 15.84 10.45
N THR A 264 -16.68 15.78 11.41
CA THR A 264 -17.09 14.51 11.97
C THR A 264 -18.25 13.93 11.18
N ARG A 265 -18.41 12.62 11.29
CA ARG A 265 -19.54 11.94 10.67
C ARG A 265 -20.38 11.66 11.90
N SER A 266 -21.59 12.22 11.94
CA SER A 266 -22.41 12.06 13.13
C SER A 266 -23.79 11.44 12.95
N VAL A 267 -24.44 11.24 14.10
CA VAL A 267 -25.78 10.66 14.22
C VAL A 267 -25.72 9.16 14.33
PG GTP B . 11.44 5.19 -0.37
O1G GTP B . 10.43 6.08 -1.26
O2G GTP B . 11.07 5.51 1.16
O3G GTP B . 12.86 5.48 -0.68
O3B GTP B . 11.05 3.65 -0.65
PB GTP B . 12.01 2.44 -0.21
O1B GTP B . 11.85 2.30 1.38
O2B GTP B . 11.70 1.19 -0.92
O3A GTP B . 13.54 2.91 -0.45
PA GTP B . 14.23 2.80 -1.90
O1A GTP B . 15.62 3.60 -1.77
O2A GTP B . 13.37 3.37 -2.96
O5' GTP B . 14.64 1.26 -2.16
C5' GTP B . 14.45 0.65 -3.46
C4' GTP B . 15.66 -0.20 -3.85
O4' GTP B . 16.59 0.55 -4.68
C3' GTP B . 16.51 -0.76 -2.73
O3' GTP B . 15.94 -1.94 -2.19
C2' GTP B . 17.85 -1.07 -3.43
O2' GTP B . 17.89 -2.34 -4.03
C1' GTP B . 17.90 0.03 -4.50
N9 GTP B . 18.81 1.14 -4.22
C8 GTP B . 18.66 2.11 -3.25
N7 GTP B . 19.62 2.99 -3.27
C5 GTP B . 20.45 2.59 -4.31
C6 GTP B . 21.64 3.18 -4.81
O6 GTP B . 22.21 4.20 -4.44
N1 GTP B . 22.16 2.44 -5.87
C2 GTP B . 21.61 1.29 -6.38
N2 GTP B . 22.27 0.72 -7.40
N3 GTP B . 20.50 0.74 -5.92
C4 GTP B . 19.97 1.44 -4.90
PG GTP C . 7.35 14.25 3.54
O1G GTP C . 8.52 13.19 3.87
O2G GTP C . 8.11 15.63 3.18
O3G GTP C . 6.43 14.41 4.68
O3B GTP C . 6.64 13.71 2.21
PB GTP C . 5.09 13.26 2.26
O1B GTP C . 4.34 14.39 3.13
O2B GTP C . 4.50 13.07 0.92
O3A GTP C . 5.06 11.91 3.14
PA GTP C . 5.02 10.48 2.40
O1A GTP C . 3.53 10.35 1.81
O2A GTP C . 5.35 9.37 3.32
O5' GTP C . 6.00 10.59 1.13
N SAH D . -0.73 3.17 4.32
CA SAH D . -0.07 4.14 5.20
CB SAH D . 1.45 4.00 5.07
CG SAH D . 1.94 2.68 5.67
SD SAH D . 3.76 2.53 5.65
C SAH D . -0.49 5.55 4.82
O SAH D . 0.02 6.49 5.47
OXT SAH D . -1.34 5.68 3.91
C5' SAH D . 3.97 0.99 6.61
C4' SAH D . 3.82 1.21 8.12
O4' SAH D . 3.80 -0.10 8.73
C3' SAH D . 5.01 1.96 8.73
O3' SAH D . 4.55 3.01 9.59
C2' SAH D . 5.72 0.89 9.55
O2' SAH D . 6.28 1.48 10.72
C1' SAH D . 4.53 0.03 9.96
N9 SAH D . 4.93 -1.32 10.40
C8 SAH D . 5.92 -2.05 9.89
N7 SAH D . 5.96 -3.24 10.49
C5 SAH D . 4.99 -3.27 11.39
C6 SAH D . 4.52 -4.21 12.30
N6 SAH D . 5.13 -5.39 12.41
N1 SAH D . 3.48 -3.92 13.08
C2 SAH D . 2.87 -2.74 12.99
N3 SAH D . 3.29 -1.81 12.14
C4 SAH D . 4.33 -2.04 11.34
#